data_2AE6
#
_entry.id   2AE6
#
_cell.length_a   64.618
_cell.length_b   64.618
_cell.length_c   176.396
_cell.angle_alpha   90.00
_cell.angle_beta   90.00
_cell.angle_gamma   120.00
#
_symmetry.space_group_name_H-M   'P 32'
#
loop_
_entity.id
_entity.type
_entity.pdbx_description
1 polymer 'acetyltransferase, GNAT family'
2 non-polymer 'MAGNESIUM ION'
3 non-polymer GLYCEROL
4 non-polymer ETHANOL
5 water water
#
_entity_poly.entity_id   1
_entity_poly.type   'polypeptide(L)'
_entity_poly.pdbx_seq_one_letter_code
;SNA(MSE)STSLTIRLVAEADWPALHALDQIIWTKKNTPAEIQPLSLAAYQEK(MSE)KDETIFVAISGQQLAGFIEVHP
PTSLAAHQKQWLLSIGVSPDFQDQGIGGSLLSYIKD(MSE)AEISGIHKLSLRV(MSE)ATNQEAIRFYEKHGFVQEAHF
KEEFYINGHYCDDYQYAYFIEK
;
_entity_poly.pdbx_strand_id   A,B,C,D
#
loop_
_chem_comp.id
_chem_comp.type
_chem_comp.name
_chem_comp.formula
EOH non-polymer ETHANOL 'C2 H6 O'
GOL non-polymer GLYCEROL 'C3 H8 O3'
MG non-polymer 'MAGNESIUM ION' 'Mg 2'
#
# COMPACT_ATOMS: atom_id res chain seq x y z
N MSE A 4 13.72 -25.56 -40.03
CA MSE A 4 13.95 -26.71 -39.08
C MSE A 4 13.20 -26.62 -37.74
O MSE A 4 12.15 -27.25 -37.56
CB MSE A 4 15.45 -26.90 -38.83
CG MSE A 4 16.03 -28.15 -39.48
SE MSE A 4 14.75 -29.66 -39.34
CE MSE A 4 16.06 -31.15 -38.87
N SER A 5 13.78 -25.86 -36.82
CA SER A 5 13.25 -25.72 -35.46
C SER A 5 13.11 -24.24 -35.08
N THR A 6 12.12 -23.96 -34.21
CA THR A 6 11.78 -22.60 -33.83
C THR A 6 11.73 -22.46 -32.29
N SER A 7 12.35 -21.40 -31.77
CA SER A 7 12.37 -21.16 -30.34
C SER A 7 11.82 -19.76 -29.99
N LEU A 8 11.00 -19.70 -28.95
CA LEU A 8 10.49 -18.44 -28.40
C LEU A 8 10.75 -18.40 -26.90
N THR A 9 11.54 -17.42 -26.47
CA THR A 9 11.90 -17.27 -25.06
C THR A 9 11.40 -15.93 -24.53
N ILE A 10 10.86 -15.94 -23.31
CA ILE A 10 10.42 -14.74 -22.61
C ILE A 10 11.19 -14.62 -21.29
N ARG A 11 11.77 -13.45 -21.05
CA ARG A 11 12.65 -13.24 -19.90
C ARG A 11 12.72 -11.76 -19.59
N LEU A 12 13.26 -11.41 -18.44
CA LEU A 12 13.48 -10.01 -18.08
C LEU A 12 14.42 -9.37 -19.10
N VAL A 13 14.17 -8.10 -19.42
CA VAL A 13 15.00 -7.34 -20.37
C VAL A 13 16.47 -7.34 -19.92
N ALA A 14 17.38 -7.20 -20.88
CA ALA A 14 18.82 -7.18 -20.58
C ALA A 14 19.50 -6.05 -21.35
N GLU A 15 20.50 -5.43 -20.74
CA GLU A 15 21.27 -4.33 -21.35
C GLU A 15 21.48 -4.48 -22.87
N ALA A 16 21.76 -5.71 -23.32
CA ALA A 16 21.90 -6.02 -24.75
C ALA A 16 20.66 -5.75 -25.61
N ASP A 17 19.48 -5.88 -25.00
CA ASP A 17 18.20 -5.78 -25.72
C ASP A 17 17.85 -4.36 -26.15
N TRP A 18 18.35 -3.38 -25.39
CA TRP A 18 17.96 -1.96 -25.53
C TRP A 18 18.09 -1.31 -26.91
N PRO A 19 19.19 -1.57 -27.64
CA PRO A 19 19.20 -1.13 -29.04
C PRO A 19 17.96 -1.60 -29.82
N ALA A 20 17.61 -2.88 -29.71
CA ALA A 20 16.43 -3.42 -30.41
C ALA A 20 15.09 -2.87 -29.87
N LEU A 21 14.98 -2.75 -28.55
CA LEU A 21 13.80 -2.14 -27.90
C LEU A 21 13.52 -0.72 -28.37
N HIS A 22 14.59 0.07 -28.47
CA HIS A 22 14.52 1.45 -28.96
C HIS A 22 13.97 1.50 -30.37
N ALA A 23 14.60 0.73 -31.27
CA ALA A 23 14.14 0.60 -32.65
C ALA A 23 12.67 0.15 -32.75
N LEU A 24 12.26 -0.76 -31.86
CA LEU A 24 10.88 -1.31 -31.90
C LEU A 24 9.85 -0.26 -31.46
N ASP A 25 10.12 0.39 -30.32
CA ASP A 25 9.19 1.39 -29.79
C ASP A 25 8.94 2.54 -30.78
N GLN A 26 9.90 2.77 -31.68
CA GLN A 26 9.74 3.76 -32.75
C GLN A 26 8.72 3.34 -33.82
N ILE A 27 8.44 2.03 -33.90
CA ILE A 27 7.44 1.50 -34.83
C ILE A 27 6.05 1.33 -34.18
N ILE A 28 6.00 0.69 -33.01
CA ILE A 28 4.72 0.44 -32.34
C ILE A 28 3.97 1.73 -31.99
N SER A 42 18.48 8.59 -27.52
CA SER A 42 18.33 7.27 -28.14
C SER A 42 19.11 6.18 -27.39
N LEU A 43 20.41 6.39 -27.21
CA LEU A 43 21.27 5.45 -26.50
C LEU A 43 21.01 5.46 -24.99
N ALA A 44 20.91 6.66 -24.42
CA ALA A 44 20.65 6.82 -22.99
C ALA A 44 19.26 7.40 -22.71
N ALA A 45 18.73 8.17 -23.66
CA ALA A 45 17.44 8.84 -23.52
C ALA A 45 16.31 7.85 -23.26
N TYR A 46 16.18 6.86 -24.15
CA TYR A 46 15.21 5.78 -23.98
C TYR A 46 15.64 4.80 -22.87
N GLN A 47 16.94 4.54 -22.76
CA GLN A 47 17.49 3.51 -21.86
C GLN A 47 17.39 3.82 -20.36
N GLU A 48 17.56 5.09 -19.97
CA GLU A 48 17.44 5.46 -18.56
C GLU A 48 15.98 5.78 -18.19
N LYS A 49 15.30 6.48 -19.11
CA LYS A 49 13.86 6.78 -19.00
C LYS A 49 13.03 5.50 -18.83
N MSE A 50 13.64 4.37 -19.16
CA MSE A 50 12.97 3.06 -19.06
C MSE A 50 13.81 2.07 -18.22
O MSE A 50 13.54 0.87 -18.22
CB MSE A 50 12.68 2.52 -20.47
CG MSE A 50 11.23 2.04 -20.69
SE MSE A 50 10.11 3.26 -21.42
CE MSE A 50 8.60 2.32 -21.55
N LYS A 51 14.82 2.59 -17.50
CA LYS A 51 15.68 1.74 -16.65
C LYS A 51 14.97 1.30 -15.37
N ASP A 52 14.11 2.18 -14.85
CA ASP A 52 13.33 1.89 -13.65
C ASP A 52 12.16 0.92 -13.95
N GLU A 53 11.75 0.86 -15.22
CA GLU A 53 10.55 0.13 -15.65
C GLU A 53 10.71 -1.39 -15.69
N THR A 54 9.63 -2.11 -15.36
CA THR A 54 9.65 -3.59 -15.41
C THR A 54 9.22 -4.12 -16.78
N ILE A 55 10.20 -4.49 -17.61
CA ILE A 55 9.98 -4.96 -18.97
C ILE A 55 10.45 -6.40 -19.19
N PHE A 56 9.58 -7.22 -19.82
CA PHE A 56 9.96 -8.55 -20.23
C PHE A 56 9.97 -8.61 -21.76
N VAL A 57 10.83 -9.44 -22.31
CA VAL A 57 11.03 -9.45 -23.74
C VAL A 57 10.72 -10.81 -24.28
N ALA A 58 10.18 -10.86 -25.50
CA ALA A 58 10.01 -12.11 -26.22
C ALA A 58 11.11 -12.19 -27.29
N ILE A 59 11.90 -13.24 -27.22
CA ILE A 59 13.01 -13.44 -28.16
C ILE A 59 12.70 -14.64 -29.04
N SER A 60 12.71 -14.40 -30.34
CA SER A 60 12.31 -15.36 -31.37
C SER A 60 13.53 -15.63 -32.28
N GLY A 61 14.08 -16.85 -32.21
CA GLY A 61 15.47 -17.07 -32.65
C GLY A 61 16.34 -16.34 -31.65
N GLN A 62 17.12 -15.36 -32.10
CA GLN A 62 17.83 -14.45 -31.19
C GLN A 62 17.53 -13.00 -31.56
N GLN A 63 16.38 -12.78 -32.19
CA GLN A 63 15.84 -11.43 -32.43
C GLN A 63 14.76 -11.05 -31.41
N LEU A 64 14.53 -9.75 -31.26
CA LEU A 64 13.53 -9.25 -30.36
C LEU A 64 12.18 -9.22 -31.09
N ALA A 65 11.22 -10.00 -30.57
CA ALA A 65 9.93 -10.16 -31.23
C ALA A 65 8.83 -9.31 -30.58
N GLY A 66 9.05 -8.91 -29.33
CA GLY A 66 8.07 -8.13 -28.58
C GLY A 66 8.41 -7.95 -27.11
N PHE A 67 7.52 -7.27 -26.38
CA PHE A 67 7.76 -6.98 -24.98
C PHE A 67 6.41 -6.83 -24.26
N ILE A 68 6.45 -7.02 -22.95
CA ILE A 68 5.36 -6.59 -22.08
C ILE A 68 5.96 -5.76 -20.96
N GLU A 69 5.38 -4.60 -20.75
CA GLU A 69 5.78 -3.70 -19.69
C GLU A 69 4.66 -3.65 -18.63
N VAL A 70 5.04 -3.55 -17.35
CA VAL A 70 4.08 -3.51 -16.23
C VAL A 70 4.55 -2.51 -15.16
N HIS A 71 3.58 -1.89 -14.50
CA HIS A 71 3.78 -1.02 -13.34
C HIS A 71 2.43 -0.85 -12.64
N PRO A 72 2.45 -0.50 -11.34
CA PRO A 72 1.20 -0.12 -10.70
C PRO A 72 0.53 1.10 -11.39
N PRO A 73 -0.80 1.09 -11.48
CA PRO A 73 -1.53 2.16 -12.22
C PRO A 73 -1.32 3.54 -11.63
N THR A 74 -1.15 3.62 -10.30
CA THR A 74 -0.71 4.85 -9.64
C THR A 74 0.35 4.53 -8.57
N SER A 75 0.91 5.59 -8.01
CA SER A 75 1.86 5.53 -6.91
C SER A 75 1.23 5.31 -5.51
N LEU A 76 -0.09 5.30 -5.41
CA LEU A 76 -0.73 4.98 -4.13
C LEU A 76 -0.34 3.57 -3.66
N ALA A 77 -0.09 3.45 -2.36
CA ALA A 77 0.24 2.14 -1.74
C ALA A 77 -0.86 1.10 -1.95
N ALA A 78 -2.12 1.56 -1.90
CA ALA A 78 -3.30 0.70 -2.06
C ALA A 78 -3.41 0.12 -3.46
N HIS A 79 -2.67 0.73 -4.39
CA HIS A 79 -2.63 0.26 -5.77
C HIS A 79 -1.44 -0.65 -6.08
N GLN A 80 -0.64 -0.98 -5.06
CA GLN A 80 0.64 -1.67 -5.35
C GLN A 80 0.48 -3.17 -5.59
N LYS A 81 -0.74 -3.66 -5.53
CA LYS A 81 -0.99 -5.07 -5.82
C LYS A 81 -1.67 -5.27 -7.18
N GLN A 82 -1.55 -4.29 -8.07
CA GLN A 82 -2.16 -4.32 -9.39
C GLN A 82 -1.10 -3.94 -10.41
N TRP A 83 -1.11 -4.58 -11.57
CA TRP A 83 -0.25 -4.14 -12.65
C TRP A 83 -1.09 -3.66 -13.82
N LEU A 84 -0.80 -2.46 -14.28
CA LEU A 84 -1.29 -1.96 -15.54
C LEU A 84 -0.31 -2.46 -16.60
N LEU A 85 -0.82 -3.10 -17.66
CA LEU A 85 0.06 -3.73 -18.64
C LEU A 85 0.08 -3.09 -20.03
N SER A 86 1.24 -3.15 -20.69
CA SER A 86 1.35 -2.76 -22.08
C SER A 86 2.13 -3.80 -22.87
N ILE A 87 1.55 -4.23 -23.99
CA ILE A 87 2.16 -5.22 -24.87
C ILE A 87 2.56 -4.54 -26.21
N GLY A 88 3.74 -4.88 -26.69
CA GLY A 88 4.16 -4.46 -28.01
C GLY A 88 4.70 -5.66 -28.73
N VAL A 89 4.24 -5.86 -29.97
CA VAL A 89 4.70 -6.97 -30.82
C VAL A 89 5.25 -6.38 -32.12
N SER A 90 6.41 -6.87 -32.55
CA SER A 90 7.05 -6.39 -33.77
C SER A 90 6.23 -6.69 -35.01
N PRO A 91 6.23 -5.76 -35.99
CA PRO A 91 5.61 -5.97 -37.31
C PRO A 91 6.21 -7.18 -38.06
N ASP A 92 7.42 -7.57 -37.69
CA ASP A 92 8.11 -8.73 -38.26
C ASP A 92 7.82 -10.04 -37.50
N PHE A 93 7.02 -9.96 -36.43
CA PHE A 93 6.66 -11.15 -35.68
C PHE A 93 5.17 -11.18 -35.37
N GLN A 94 4.36 -10.77 -36.36
CA GLN A 94 2.90 -10.84 -36.26
C GLN A 94 2.40 -12.28 -36.43
N ASP A 95 1.21 -12.52 -35.87
CA ASP A 95 0.53 -13.80 -35.97
C ASP A 95 1.38 -15.04 -35.63
N GLN A 96 2.18 -14.98 -34.57
CA GLN A 96 2.85 -16.20 -34.11
C GLN A 96 2.67 -16.43 -32.60
N GLY A 97 1.57 -15.91 -32.04
CA GLY A 97 1.22 -16.05 -30.63
C GLY A 97 2.12 -15.36 -29.62
N ILE A 98 2.84 -14.32 -30.04
CA ILE A 98 3.72 -13.59 -29.10
C ILE A 98 2.88 -12.94 -27.98
N GLY A 99 1.85 -12.20 -28.35
CA GLY A 99 1.00 -11.53 -27.38
C GLY A 99 0.48 -12.46 -26.29
N GLY A 100 -0.05 -13.61 -26.70
CA GLY A 100 -0.59 -14.62 -25.78
C GLY A 100 0.46 -15.23 -24.87
N SER A 101 1.65 -15.46 -25.40
CA SER A 101 2.73 -16.06 -24.64
C SER A 101 3.25 -15.08 -23.58
N LEU A 102 3.30 -13.80 -23.94
CA LEU A 102 3.61 -12.71 -23.01
C LEU A 102 2.55 -12.57 -21.89
N LEU A 103 1.29 -12.72 -22.28
CA LEU A 103 0.19 -12.62 -21.34
C LEU A 103 0.22 -13.79 -20.35
N SER A 104 0.50 -14.99 -20.85
CA SER A 104 0.64 -16.16 -20.02
C SER A 104 1.77 -16.03 -18.99
N TYR A 105 2.89 -15.43 -19.42
CA TYR A 105 4.07 -15.31 -18.62
C TYR A 105 3.86 -14.29 -17.51
N ILE A 106 3.22 -13.19 -17.84
CA ILE A 106 2.97 -12.13 -16.89
C ILE A 106 2.00 -12.58 -15.78
N LYS A 107 1.04 -13.42 -16.14
CA LYS A 107 0.07 -13.90 -15.19
C LYS A 107 0.75 -14.81 -14.15
N ASP A 108 1.70 -15.63 -14.62
CA ASP A 108 2.53 -16.48 -13.74
C ASP A 108 3.50 -15.64 -12.87
N MSE A 109 4.11 -14.62 -13.47
CA MSE A 109 4.99 -13.69 -12.78
C MSE A 109 4.28 -12.89 -11.68
O MSE A 109 4.84 -12.65 -10.61
CB MSE A 109 5.62 -12.74 -13.79
CG MSE A 109 6.98 -12.25 -13.46
SE MSE A 109 8.30 -13.63 -12.85
CE MSE A 109 7.71 -15.24 -13.80
N ALA A 110 3.05 -12.46 -11.99
CA ALA A 110 2.21 -11.72 -11.07
C ALA A 110 1.85 -12.55 -9.85
N GLU A 111 1.59 -13.83 -10.06
CA GLU A 111 1.30 -14.79 -8.99
C GLU A 111 2.44 -14.90 -7.99
N ILE A 112 3.69 -14.90 -8.47
CA ILE A 112 4.85 -14.94 -7.57
C ILE A 112 5.18 -13.58 -6.96
N SER A 113 4.88 -12.50 -7.69
CA SER A 113 5.15 -11.16 -7.23
C SER A 113 4.14 -10.69 -6.18
N GLY A 114 3.10 -11.48 -5.94
CA GLY A 114 2.02 -11.10 -5.03
C GLY A 114 0.98 -10.16 -5.66
N ILE A 115 0.98 -10.05 -6.98
CA ILE A 115 0.09 -9.12 -7.70
C ILE A 115 -1.29 -9.76 -7.84
N HIS A 116 -2.32 -9.04 -7.45
CA HIS A 116 -3.70 -9.57 -7.37
C HIS A 116 -4.51 -9.38 -8.67
N LYS A 117 -4.17 -8.32 -9.39
CA LYS A 117 -5.01 -7.86 -10.49
C LYS A 117 -4.16 -7.28 -11.59
N LEU A 118 -4.51 -7.62 -12.84
CA LEU A 118 -3.98 -6.94 -14.03
C LEU A 118 -5.07 -6.09 -14.65
N SER A 119 -4.70 -4.94 -15.20
CA SER A 119 -5.68 -4.13 -15.94
C SER A 119 -5.02 -3.41 -17.10
N LEU A 120 -5.86 -2.94 -18.02
CA LEU A 120 -5.47 -1.97 -19.06
C LEU A 120 -6.72 -1.32 -19.64
N ARG A 121 -6.49 -0.25 -20.40
CA ARG A 121 -7.55 0.41 -21.13
C ARG A 121 -7.40 0.17 -22.63
N VAL A 122 -8.55 0.08 -23.30
CA VAL A 122 -8.61 -0.23 -24.73
C VAL A 122 -9.70 0.66 -25.33
N MSE A 123 -9.36 1.36 -26.41
CA MSE A 123 -10.31 2.14 -27.19
C MSE A 123 -11.48 1.26 -27.65
O MSE A 123 -11.28 0.13 -28.10
CB MSE A 123 -9.62 2.74 -28.43
CG MSE A 123 -8.51 3.73 -28.11
SE MSE A 123 -9.13 5.23 -26.98
CE MSE A 123 -10.19 6.17 -28.30
N ALA A 124 -12.69 1.79 -27.51
CA ALA A 124 -13.90 1.08 -27.90
C ALA A 124 -13.91 0.58 -29.35
N THR A 125 -13.19 1.27 -30.22
CA THR A 125 -13.14 0.88 -31.63
C THR A 125 -12.09 -0.20 -31.89
N ASN A 126 -11.23 -0.49 -30.91
CA ASN A 126 -10.18 -1.48 -31.09
C ASN A 126 -10.69 -2.91 -30.88
N GLN A 127 -11.42 -3.40 -31.88
CA GLN A 127 -12.13 -4.68 -31.82
C GLN A 127 -11.20 -5.89 -31.63
N GLU A 128 -10.03 -5.84 -32.24
CA GLU A 128 -9.12 -6.95 -32.11
C GLU A 128 -8.48 -7.07 -30.73
N ALA A 129 -8.10 -5.93 -30.13
CA ALA A 129 -7.56 -5.96 -28.77
C ALA A 129 -8.64 -6.38 -27.77
N ILE A 130 -9.89 -5.96 -28.00
CA ILE A 130 -11.03 -6.33 -27.17
C ILE A 130 -11.18 -7.84 -27.17
N ARG A 131 -11.22 -8.40 -28.37
CA ARG A 131 -11.32 -9.83 -28.53
C ARG A 131 -10.15 -10.58 -27.92
N PHE A 132 -8.95 -10.07 -28.12
CA PHE A 132 -7.73 -10.65 -27.54
C PHE A 132 -7.80 -10.70 -26.03
N TYR A 133 -8.02 -9.57 -25.38
CA TYR A 133 -8.11 -9.57 -23.92
C TYR A 133 -9.26 -10.40 -23.36
N GLU A 134 -10.41 -10.37 -24.02
CA GLU A 134 -11.55 -11.15 -23.55
C GLU A 134 -11.25 -12.63 -23.74
N LYS A 135 -10.62 -12.99 -24.87
CA LYS A 135 -10.20 -14.37 -25.07
C LYS A 135 -9.26 -14.83 -23.91
N HIS A 136 -8.44 -13.93 -23.40
CA HIS A 136 -7.48 -14.25 -22.34
C HIS A 136 -8.03 -14.06 -20.92
N GLY A 137 -9.36 -14.03 -20.81
CA GLY A 137 -10.07 -14.02 -19.51
C GLY A 137 -10.21 -12.68 -18.82
N PHE A 138 -9.92 -11.58 -19.54
CA PHE A 138 -10.11 -10.24 -18.94
C PHE A 138 -11.58 -9.92 -19.06
N VAL A 139 -12.12 -9.25 -18.04
CA VAL A 139 -13.51 -8.81 -18.03
C VAL A 139 -13.56 -7.29 -18.04
N GLN A 140 -14.56 -6.75 -18.71
CA GLN A 140 -14.79 -5.33 -18.71
C GLN A 140 -15.24 -4.78 -17.35
N GLU A 141 -14.54 -3.75 -16.87
CA GLU A 141 -14.88 -3.09 -15.60
C GLU A 141 -15.40 -1.66 -15.74
N ALA A 142 -15.20 -1.06 -16.92
CA ALA A 142 -15.52 0.34 -17.18
C ALA A 142 -15.85 0.55 -18.64
N HIS A 143 -16.82 1.44 -18.89
CA HIS A 143 -17.14 1.93 -20.24
C HIS A 143 -17.16 3.46 -20.11
N PHE A 144 -16.02 4.07 -20.46
CA PHE A 144 -15.87 5.50 -20.35
C PHE A 144 -16.38 6.15 -21.62
N LYS A 145 -17.51 6.85 -21.52
CA LYS A 145 -18.13 7.38 -22.72
C LYS A 145 -17.63 8.78 -22.98
N GLU A 146 -17.41 9.08 -24.26
CA GLU A 146 -16.95 10.44 -24.66
C GLU A 146 -15.78 10.87 -23.81
N GLU A 147 -14.78 10.00 -23.79
CA GLU A 147 -13.71 10.02 -22.81
C GLU A 147 -12.49 10.72 -23.36
N PHE A 148 -12.16 10.40 -24.61
CA PHE A 148 -11.04 11.04 -25.27
C PHE A 148 -11.48 11.91 -26.40
N TYR A 149 -10.99 13.14 -26.38
CA TYR A 149 -11.22 14.06 -27.48
C TYR A 149 -10.18 13.92 -28.60
N ILE A 150 -10.65 13.65 -29.80
CA ILE A 150 -9.78 13.38 -30.94
C ILE A 150 -10.27 14.15 -32.14
N ASN A 151 -9.53 15.21 -32.49
CA ASN A 151 -9.86 16.06 -33.64
C ASN A 151 -11.34 16.35 -33.84
N GLY A 152 -11.97 16.96 -32.85
CA GLY A 152 -13.36 17.37 -32.97
C GLY A 152 -14.38 16.41 -32.42
N HIS A 153 -13.99 15.15 -32.21
N HIS A 153 -14.03 15.12 -32.28
CA HIS A 153 -14.91 14.11 -31.77
CA HIS A 153 -14.97 14.11 -31.79
C HIS A 153 -14.50 13.44 -30.45
C HIS A 153 -14.50 13.38 -30.51
N TYR A 154 -15.47 12.91 -29.73
CA TYR A 154 -15.21 12.21 -28.48
C TYR A 154 -15.27 10.70 -28.69
N CYS A 155 -14.28 9.99 -28.14
CA CYS A 155 -14.15 8.55 -28.32
C CYS A 155 -14.29 7.83 -26.99
N ASP A 156 -14.93 6.66 -26.99
CA ASP A 156 -15.09 5.85 -25.78
C ASP A 156 -13.90 4.93 -25.57
N ASP A 157 -13.78 4.43 -24.35
CA ASP A 157 -12.66 3.62 -23.91
C ASP A 157 -13.24 2.59 -22.91
N TYR A 158 -12.65 1.39 -22.87
CA TYR A 158 -13.00 0.39 -21.88
C TYR A 158 -11.83 0.21 -20.92
N GLN A 159 -12.12 -0.25 -19.72
CA GLN A 159 -11.08 -0.84 -18.89
C GLN A 159 -11.40 -2.30 -18.72
N TYR A 160 -10.38 -3.12 -18.93
CA TYR A 160 -10.44 -4.55 -18.73
C TYR A 160 -9.59 -4.97 -17.55
N ALA A 161 -10.02 -6.03 -16.87
CA ALA A 161 -9.28 -6.52 -15.71
C ALA A 161 -9.17 -8.02 -15.74
N TYR A 162 -8.06 -8.50 -15.20
CA TYR A 162 -7.81 -9.93 -15.00
C TYR A 162 -7.41 -10.18 -13.56
N PHE A 163 -8.09 -11.16 -12.93
CA PHE A 163 -7.91 -11.49 -11.53
C PHE A 163 -7.05 -12.71 -11.36
N ILE A 164 -5.87 -12.48 -10.79
CA ILE A 164 -4.89 -13.54 -10.65
C ILE A 164 -5.47 -14.63 -9.76
N MSE B 4 -13.79 26.22 39.65
CA MSE B 4 -13.05 26.02 40.93
C MSE B 4 -12.08 24.83 40.88
O MSE B 4 -10.90 24.97 41.22
CB MSE B 4 -14.01 25.88 42.12
CG MSE B 4 -14.30 27.18 42.88
SE MSE B 4 -13.38 27.45 44.64
CE MSE B 4 -14.65 26.34 45.85
N SER B 5 -12.57 23.65 40.49
CA SER B 5 -11.72 22.47 40.39
C SER B 5 -12.00 21.61 39.16
N THR B 6 -11.00 20.81 38.77
CA THR B 6 -11.12 19.83 37.69
C THR B 6 -10.60 18.48 38.19
N SER B 7 -11.10 17.40 37.60
CA SER B 7 -10.62 16.08 37.96
C SER B 7 -10.35 15.23 36.73
N LEU B 8 -9.33 14.38 36.82
CA LEU B 8 -8.95 13.52 35.72
C LEU B 8 -8.81 12.12 36.27
N THR B 9 -9.62 11.20 35.77
CA THR B 9 -9.60 9.81 36.23
C THR B 9 -9.17 8.90 35.11
N ILE B 10 -8.33 7.93 35.44
CA ILE B 10 -7.93 6.88 34.51
C ILE B 10 -8.35 5.53 35.08
N ARG B 11 -9.10 4.79 34.29
CA ARG B 11 -9.60 3.49 34.72
C ARG B 11 -9.79 2.62 33.50
N LEU B 12 -9.93 1.33 33.75
CA LEU B 12 -10.36 0.37 32.74
C LEU B 12 -11.68 0.82 32.09
N VAL B 13 -11.78 0.63 30.78
CA VAL B 13 -12.97 0.99 30.00
C VAL B 13 -14.24 0.26 30.50
N ALA B 14 -15.36 0.99 30.52
CA ALA B 14 -16.65 0.44 30.97
C ALA B 14 -17.70 0.50 29.85
N GLU B 15 -18.72 -0.37 29.96
CA GLU B 15 -19.79 -0.49 28.94
C GLU B 15 -20.33 0.85 28.44
N ALA B 16 -20.54 1.80 29.35
CA ALA B 16 -21.06 3.13 28.99
C ALA B 16 -20.09 4.01 28.19
N ASP B 17 -18.82 3.62 28.17
CA ASP B 17 -17.78 4.41 27.49
C ASP B 17 -17.83 4.32 25.97
N TRP B 18 -18.29 3.17 25.47
CA TRP B 18 -18.20 2.81 24.05
C TRP B 18 -18.81 3.77 23.03
N PRO B 19 -20.00 4.32 23.31
CA PRO B 19 -20.47 5.43 22.47
C PRO B 19 -19.43 6.54 22.32
N ALA B 20 -18.83 7.00 23.43
CA ALA B 20 -17.82 8.05 23.38
C ALA B 20 -16.53 7.62 22.67
N LEU B 21 -16.09 6.39 22.94
CA LEU B 21 -14.88 5.79 22.35
C LEU B 21 -14.95 5.62 20.83
N HIS B 22 -16.07 5.05 20.38
CA HIS B 22 -16.39 4.93 18.96
C HIS B 22 -16.33 6.30 18.29
N ALA B 23 -16.93 7.30 18.94
CA ALA B 23 -16.91 8.68 18.49
C ALA B 23 -15.48 9.25 18.39
N LEU B 24 -14.68 9.04 19.44
CA LEU B 24 -13.29 9.56 19.48
C LEU B 24 -12.41 8.88 18.43
N ASP B 25 -12.51 7.57 18.34
CA ASP B 25 -11.72 6.81 17.36
C ASP B 25 -11.98 7.24 15.92
N GLN B 26 -13.16 7.82 15.68
CA GLN B 26 -13.50 8.42 14.38
C GLN B 26 -12.81 9.77 14.16
N ILE B 27 -12.63 10.53 15.25
CA ILE B 27 -12.04 11.88 15.19
C ILE B 27 -10.50 11.89 15.02
N ILE B 28 -9.86 10.74 15.19
CA ILE B 28 -8.40 10.61 14.98
C ILE B 28 -8.01 9.32 14.26
N LEU B 43 -20.71 0.70 14.10
CA LEU B 43 -20.82 1.14 15.49
C LEU B 43 -20.58 -0.02 16.46
N ALA B 44 -21.42 -1.06 16.36
CA ALA B 44 -21.34 -2.24 17.22
C ALA B 44 -20.23 -3.20 16.81
N ALA B 45 -19.75 -3.05 15.57
CA ALA B 45 -18.60 -3.81 15.06
C ALA B 45 -17.34 -3.43 15.83
N TYR B 46 -17.19 -2.12 16.09
CA TYR B 46 -16.15 -1.58 16.96
C TYR B 46 -16.28 -2.17 18.37
N GLN B 47 -17.52 -2.18 18.88
CA GLN B 47 -17.84 -2.71 20.22
C GLN B 47 -17.49 -4.19 20.38
N GLU B 48 -17.64 -4.95 19.29
CA GLU B 48 -17.23 -6.33 19.23
C GLU B 48 -15.71 -6.50 19.10
N LYS B 49 -15.12 -5.78 18.14
CA LYS B 49 -13.68 -5.79 17.87
C LYS B 49 -12.84 -5.48 19.12
N MSE B 50 -13.21 -4.40 19.80
CA MSE B 50 -12.43 -3.88 20.92
C MSE B 50 -12.78 -4.48 22.30
O MSE B 50 -12.45 -3.91 23.34
CB MSE B 50 -12.51 -2.34 20.94
CG MSE B 50 -11.25 -1.63 20.42
SE MSE B 50 -10.95 -1.66 18.64
CE MSE B 50 -9.59 -0.51 18.49
N LYS B 51 -13.43 -5.64 22.30
CA LYS B 51 -13.56 -6.44 23.54
C LYS B 51 -12.62 -7.64 23.53
N ASP B 52 -11.84 -7.77 22.45
CA ASP B 52 -10.68 -8.63 22.43
C ASP B 52 -9.45 -7.83 22.89
N GLU B 53 -9.69 -6.58 23.34
CA GLU B 53 -8.62 -5.58 23.56
C GLU B 53 -8.63 -4.94 24.95
N THR B 54 -7.44 -4.71 25.51
CA THR B 54 -7.29 -4.08 26.84
C THR B 54 -7.13 -2.55 26.76
N ILE B 55 -8.19 -1.83 27.16
CA ILE B 55 -8.28 -0.38 27.00
C ILE B 55 -8.48 0.34 28.33
N PHE B 56 -7.65 1.35 28.59
CA PHE B 56 -7.84 2.17 29.75
C PHE B 56 -8.27 3.55 29.30
N VAL B 57 -9.06 4.21 30.14
CA VAL B 57 -9.78 5.36 29.67
C VAL B 57 -9.45 6.56 30.56
N ALA B 58 -9.23 7.72 29.96
CA ALA B 58 -9.05 8.95 30.73
C ALA B 58 -10.35 9.75 30.73
N ILE B 59 -10.89 10.00 31.92
CA ILE B 59 -12.11 10.78 32.09
C ILE B 59 -11.85 12.13 32.73
N SER B 60 -12.14 13.20 31.99
CA SER B 60 -11.95 14.57 32.44
C SER B 60 -13.30 15.22 32.77
N GLY B 61 -13.50 15.54 34.04
CA GLY B 61 -14.85 15.79 34.55
C GLY B 61 -15.62 14.49 34.40
N GLN B 62 -16.62 14.48 33.52
CA GLN B 62 -17.41 13.27 33.26
C GLN B 62 -17.42 12.98 31.75
N GLN B 63 -16.43 13.53 31.05
CA GLN B 63 -16.25 13.30 29.62
C GLN B 63 -15.04 12.42 29.33
N LEU B 64 -15.13 11.64 28.27
CA LEU B 64 -14.00 10.85 27.80
C LEU B 64 -12.97 11.80 27.17
N ALA B 65 -11.75 11.84 27.71
CA ALA B 65 -10.70 12.71 27.20
C ALA B 65 -9.64 11.95 26.39
N GLY B 66 -9.53 10.65 26.62
CA GLY B 66 -8.48 9.85 25.98
C GLY B 66 -8.47 8.41 26.40
N PHE B 67 -7.62 7.62 25.76
CA PHE B 67 -7.45 6.22 26.09
C PHE B 67 -6.00 5.76 25.82
N ILE B 68 -5.63 4.68 26.48
CA ILE B 68 -4.45 3.91 26.13
C ILE B 68 -4.91 2.46 25.95
N GLU B 69 -4.42 1.84 24.89
CA GLU B 69 -4.74 0.48 24.57
C GLU B 69 -3.43 -0.32 24.53
N VAL B 70 -3.44 -1.52 25.10
CA VAL B 70 -2.24 -2.38 25.14
C VAL B 70 -2.57 -3.82 24.75
N HIS B 71 -1.59 -4.47 24.10
CA HIS B 71 -1.60 -5.90 23.74
C HIS B 71 -0.17 -6.35 23.43
N PRO B 72 0.13 -7.63 23.69
CA PRO B 72 1.44 -8.14 23.27
C PRO B 72 1.63 -7.92 21.76
N PRO B 73 2.85 -7.58 21.34
CA PRO B 73 3.16 -7.27 19.93
C PRO B 73 2.91 -8.42 18.95
N THR B 74 3.03 -9.66 19.42
CA THR B 74 2.60 -10.83 18.64
C THR B 74 1.98 -11.86 19.57
N SER B 75 1.47 -12.92 18.97
CA SER B 75 0.86 -14.05 19.66
C SER B 75 1.87 -15.03 20.26
N LEU B 76 3.15 -14.87 19.93
CA LEU B 76 4.20 -15.69 20.54
C LEU B 76 4.17 -15.64 22.07
N ALA B 77 4.26 -16.80 22.70
CA ALA B 77 4.38 -16.91 24.15
C ALA B 77 5.57 -16.07 24.68
N ALA B 78 6.66 -16.08 23.92
CA ALA B 78 7.90 -15.37 24.29
C ALA B 78 7.74 -13.85 24.30
N HIS B 79 6.66 -13.38 23.66
CA HIS B 79 6.30 -11.97 23.61
C HIS B 79 5.29 -11.53 24.66
N GLN B 80 4.85 -12.45 25.53
CA GLN B 80 3.68 -12.15 26.37
C GLN B 80 4.00 -11.28 27.59
N LYS B 81 5.28 -10.92 27.76
CA LYS B 81 5.72 -10.03 28.81
C LYS B 81 6.03 -8.63 28.27
N GLN B 82 5.53 -8.32 27.09
CA GLN B 82 5.70 -7.00 26.48
C GLN B 82 4.34 -6.44 26.06
N TRP B 83 4.12 -5.13 26.26
CA TRP B 83 2.94 -4.45 25.72
C TRP B 83 3.30 -3.44 24.62
N LEU B 84 2.77 -3.66 23.43
CA LEU B 84 2.73 -2.65 22.41
C LEU B 84 1.64 -1.66 22.83
N LEU B 85 1.96 -0.35 22.83
CA LEU B 85 0.98 0.63 23.25
C LEU B 85 0.47 1.60 22.18
N SER B 86 -0.75 2.07 22.40
CA SER B 86 -1.35 3.04 21.51
C SER B 86 -2.16 4.05 22.34
N ILE B 87 -1.84 5.34 22.17
CA ILE B 87 -2.52 6.41 22.91
C ILE B 87 -3.42 7.25 21.97
N GLY B 88 -4.61 7.63 22.46
CA GLY B 88 -5.45 8.56 21.73
C GLY B 88 -5.93 9.61 22.70
N VAL B 89 -5.74 10.87 22.32
CA VAL B 89 -6.18 12.01 23.14
C VAL B 89 -7.20 12.83 22.32
N SER B 90 -8.33 13.16 22.93
CA SER B 90 -9.38 13.90 22.24
C SER B 90 -8.89 15.27 21.75
N PRO B 91 -9.41 15.73 20.58
CA PRO B 91 -9.17 17.11 20.14
C PRO B 91 -9.69 18.18 21.11
N ASP B 92 -10.66 17.83 21.95
CA ASP B 92 -11.18 18.78 22.93
C ASP B 92 -10.49 18.71 24.30
N PHE B 93 -9.46 17.88 24.42
CA PHE B 93 -8.71 17.74 25.68
C PHE B 93 -7.20 17.73 25.41
N GLN B 94 -6.80 18.56 24.45
CA GLN B 94 -5.39 18.77 24.11
C GLN B 94 -4.68 19.59 25.17
N ASP B 95 -3.35 19.41 25.25
CA ASP B 95 -2.50 20.17 26.18
C ASP B 95 -2.97 20.24 27.66
N GLN B 96 -3.38 19.11 28.24
CA GLN B 96 -3.67 19.08 29.67
C GLN B 96 -3.08 17.85 30.37
N GLY B 97 -1.99 17.34 29.79
CA GLY B 97 -1.23 16.22 30.34
C GLY B 97 -1.93 14.87 30.28
N ILE B 98 -2.91 14.71 29.38
CA ILE B 98 -3.62 13.43 29.27
C ILE B 98 -2.62 12.32 28.87
N GLY B 99 -1.83 12.58 27.83
CA GLY B 99 -0.87 11.58 27.34
C GLY B 99 0.05 11.08 28.46
N GLY B 100 0.62 12.00 29.22
CA GLY B 100 1.54 11.67 30.31
C GLY B 100 0.89 10.90 31.44
N SER B 101 -0.34 11.26 31.81
CA SER B 101 -1.07 10.54 32.87
C SER B 101 -1.34 9.09 32.50
N LEU B 102 -1.75 8.89 31.24
CA LEU B 102 -1.93 7.57 30.65
C LEU B 102 -0.63 6.72 30.66
N LEU B 103 0.47 7.30 30.21
CA LEU B 103 1.77 6.61 30.25
C LEU B 103 2.16 6.22 31.64
N SER B 104 2.01 7.15 32.57
CA SER B 104 2.34 6.87 33.96
C SER B 104 1.49 5.72 34.52
N TYR B 105 0.19 5.69 34.19
CA TYR B 105 -0.73 4.69 34.68
C TYR B 105 -0.39 3.32 34.11
N ILE B 106 -0.07 3.29 32.82
CA ILE B 106 0.29 2.05 32.15
C ILE B 106 1.57 1.42 32.70
N LYS B 107 2.54 2.25 33.05
CA LYS B 107 3.80 1.78 33.59
C LYS B 107 3.57 1.12 34.97
N ASP B 108 2.63 1.67 35.73
CA ASP B 108 2.22 1.12 37.02
C ASP B 108 1.42 -0.19 36.85
N MSE B 109 0.43 -0.20 35.95
CA MSE B 109 -0.30 -1.42 35.61
C MSE B 109 0.58 -2.57 35.13
O MSE B 109 0.30 -3.73 35.42
CB MSE B 109 -1.35 -1.19 34.52
CG MSE B 109 -2.59 -0.52 35.00
SE MSE B 109 -3.21 -1.25 36.72
CE MSE B 109 -3.85 -2.91 36.11
N ALA B 110 1.61 -2.21 34.34
CA ALA B 110 2.53 -3.18 33.76
C ALA B 110 3.37 -3.85 34.84
N GLU B 111 3.82 -3.05 35.80
CA GLU B 111 4.60 -3.53 36.94
C GLU B 111 3.88 -4.64 37.72
N ILE B 112 2.58 -4.44 37.98
CA ILE B 112 1.82 -5.43 38.70
C ILE B 112 1.37 -6.58 37.82
N SER B 113 1.16 -6.30 36.53
CA SER B 113 0.79 -7.31 35.54
C SER B 113 1.95 -8.26 35.17
N GLY B 114 3.16 -7.91 35.58
CA GLY B 114 4.34 -8.72 35.26
C GLY B 114 4.86 -8.45 33.85
N ILE B 115 4.45 -7.31 33.28
CA ILE B 115 4.93 -6.89 31.95
C ILE B 115 6.30 -6.28 32.14
N HIS B 116 7.28 -6.76 31.38
CA HIS B 116 8.68 -6.33 31.51
C HIS B 116 9.05 -5.11 30.64
N LYS B 117 8.33 -4.92 29.54
CA LYS B 117 8.74 -3.99 28.49
C LYS B 117 7.52 -3.40 27.80
N LEU B 118 7.55 -2.08 27.56
CA LEU B 118 6.59 -1.41 26.67
C LEU B 118 7.31 -0.97 25.41
N SER B 119 6.63 -1.00 24.28
CA SER B 119 7.17 -0.42 23.06
C SER B 119 6.08 0.11 22.16
N LEU B 120 6.51 0.86 21.15
CA LEU B 120 5.67 1.28 20.03
C LEU B 120 6.58 1.75 18.90
N ARG B 121 5.97 1.91 17.74
CA ARG B 121 6.65 2.50 16.61
C ARG B 121 6.16 3.91 16.34
N VAL B 122 7.08 4.76 15.91
CA VAL B 122 6.77 6.12 15.54
C VAL B 122 7.50 6.54 14.26
N MSE B 123 6.75 7.21 13.38
CA MSE B 123 7.29 7.73 12.13
C MSE B 123 8.39 8.73 12.44
O MSE B 123 8.26 9.56 13.36
CB MSE B 123 6.18 8.40 11.31
CG MSE B 123 5.06 7.45 10.93
SE MSE B 123 5.65 6.02 9.70
CE MSE B 123 5.59 7.02 8.06
N ALA B 124 9.47 8.65 11.68
CA ALA B 124 10.63 9.53 11.80
C ALA B 124 10.24 11.01 11.73
N THR B 125 9.27 11.33 10.90
CA THR B 125 8.86 12.72 10.72
C THR B 125 8.02 13.20 11.91
N ASN B 126 7.66 12.31 12.81
CA ASN B 126 6.76 12.70 13.90
C ASN B 126 7.53 13.16 15.14
N GLN B 127 8.05 14.39 15.04
CA GLN B 127 8.92 15.04 16.04
C GLN B 127 8.28 15.18 17.43
N GLU B 128 7.01 15.59 17.44
CA GLU B 128 6.24 15.70 18.68
C GLU B 128 6.17 14.36 19.46
N ALA B 129 5.77 13.28 18.78
CA ALA B 129 5.72 11.96 19.42
C ALA B 129 7.10 11.50 19.90
N ILE B 130 8.13 11.71 19.07
CA ILE B 130 9.51 11.38 19.42
C ILE B 130 9.90 12.05 20.74
N ARG B 131 9.66 13.36 20.83
CA ARG B 131 9.99 14.10 22.02
C ARG B 131 9.19 13.65 23.25
N PHE B 132 7.88 13.43 23.06
CA PHE B 132 7.00 12.90 24.09
C PHE B 132 7.54 11.61 24.69
N TYR B 133 7.76 10.59 23.87
CA TYR B 133 8.20 9.29 24.35
C TYR B 133 9.60 9.31 24.96
N GLU B 134 10.52 10.03 24.34
CA GLU B 134 11.86 10.21 24.92
C GLU B 134 11.81 10.97 26.24
N LYS B 135 10.95 12.00 26.32
CA LYS B 135 10.73 12.66 27.59
C LYS B 135 10.23 11.67 28.65
N HIS B 136 9.46 10.68 28.25
CA HIS B 136 8.95 9.71 29.22
C HIS B 136 9.83 8.47 29.43
N GLY B 137 11.12 8.60 29.07
CA GLY B 137 12.11 7.57 29.33
C GLY B 137 12.16 6.42 28.35
N PHE B 138 11.52 6.57 27.19
CA PHE B 138 11.61 5.54 26.17
C PHE B 138 12.89 5.78 25.39
N VAL B 139 13.55 4.69 24.97
CA VAL B 139 14.79 4.76 24.19
C VAL B 139 14.61 4.09 22.84
N GLN B 140 15.29 4.62 21.84
CA GLN B 140 15.23 4.08 20.51
C GLN B 140 15.93 2.74 20.38
N GLU B 141 15.22 1.74 19.85
CA GLU B 141 15.77 0.40 19.62
C GLU B 141 15.97 0.06 18.15
N ALA B 142 15.32 0.81 17.27
CA ALA B 142 15.30 0.53 15.86
C ALA B 142 15.14 1.80 15.06
N HIS B 143 15.84 1.84 13.92
CA HIS B 143 15.64 2.86 12.88
C HIS B 143 15.41 2.08 11.59
N PHE B 144 14.13 1.87 11.25
CA PHE B 144 13.76 1.22 9.99
C PHE B 144 13.80 2.22 8.82
N LYS B 145 14.79 2.06 7.94
CA LYS B 145 14.96 3.01 6.84
C LYS B 145 14.12 2.58 5.66
N GLU B 146 13.52 3.55 4.98
CA GLU B 146 12.76 3.26 3.75
C GLU B 146 11.80 2.12 4.00
N GLU B 147 11.03 2.30 5.08
CA GLU B 147 10.27 1.26 5.72
C GLU B 147 8.84 1.19 5.22
N PHE B 148 8.20 2.36 5.07
CA PHE B 148 6.82 2.47 4.60
C PHE B 148 6.73 3.21 3.28
N TYR B 149 6.06 2.58 2.33
CA TYR B 149 5.81 3.21 1.04
C TYR B 149 4.54 4.09 1.10
N ILE B 150 4.71 5.37 0.86
CA ILE B 150 3.61 6.34 0.94
C ILE B 150 3.59 7.10 -0.35
N ASN B 151 2.59 6.85 -1.18
CA ASN B 151 2.42 7.62 -2.43
C ASN B 151 3.70 7.87 -3.22
N GLY B 152 4.47 6.82 -3.50
CA GLY B 152 5.67 6.97 -4.31
C GLY B 152 6.98 7.23 -3.58
N HIS B 153 6.92 7.50 -2.29
N HIS B 153 6.94 7.54 -2.29
CA HIS B 153 8.11 7.68 -1.47
CA HIS B 153 8.16 7.70 -1.50
C HIS B 153 8.22 6.65 -0.34
C HIS B 153 8.21 6.80 -0.26
N TYR B 154 9.43 6.49 0.18
CA TYR B 154 9.66 5.64 1.33
C TYR B 154 9.90 6.47 2.57
N CYS B 155 9.33 6.05 3.68
CA CYS B 155 9.44 6.81 4.94
C CYS B 155 10.09 5.94 6.01
N ASP B 156 10.87 6.57 6.87
CA ASP B 156 11.54 5.88 7.96
C ASP B 156 10.66 5.82 9.20
N ASP B 157 10.95 4.85 10.04
CA ASP B 157 10.19 4.54 11.23
C ASP B 157 11.15 4.22 12.37
N TYR B 158 10.79 4.59 13.60
CA TYR B 158 11.57 4.21 14.77
C TYR B 158 10.75 3.26 15.61
N GLN B 159 11.43 2.40 16.34
CA GLN B 159 10.80 1.72 17.45
C GLN B 159 11.44 2.20 18.74
N TYR B 160 10.58 2.56 19.69
CA TYR B 160 10.93 2.97 21.04
C TYR B 160 10.54 1.92 22.08
N ALA B 161 11.35 1.80 23.12
CA ALA B 161 11.06 0.87 24.21
C ALA B 161 11.22 1.52 25.57
N TYR B 162 10.42 1.04 26.51
CA TYR B 162 10.52 1.43 27.90
C TYR B 162 10.65 0.15 28.74
N PHE B 163 11.62 0.12 29.66
CA PHE B 163 11.85 -1.01 30.56
C PHE B 163 11.32 -0.79 31.96
N ILE B 164 10.32 -1.58 32.31
CA ILE B 164 9.66 -1.47 33.61
C ILE B 164 10.69 -1.78 34.70
N SER C 7 24.46 -28.75 -10.77
CA SER C 7 23.16 -29.48 -10.64
C SER C 7 22.16 -28.77 -9.73
N LEU C 8 22.46 -27.50 -9.39
CA LEU C 8 21.58 -26.70 -8.52
C LEU C 8 20.53 -25.92 -9.30
N THR C 9 19.28 -26.28 -9.05
CA THR C 9 18.15 -25.64 -9.70
C THR C 9 17.20 -25.05 -8.63
N ILE C 10 16.93 -23.76 -8.74
CA ILE C 10 15.97 -23.08 -7.85
C ILE C 10 14.73 -22.70 -8.65
N ARG C 11 13.58 -23.15 -8.16
CA ARG C 11 12.30 -22.91 -8.79
C ARG C 11 11.27 -22.88 -7.67
N LEU C 12 10.04 -22.48 -7.98
CA LEU C 12 9.00 -22.45 -6.96
C LEU C 12 8.50 -23.84 -6.58
N VAL C 13 7.83 -23.92 -5.43
CA VAL C 13 7.36 -25.18 -4.86
C VAL C 13 6.32 -25.87 -5.77
N ALA C 14 6.40 -27.21 -5.82
CA ALA C 14 5.40 -28.03 -6.52
C ALA C 14 4.82 -29.08 -5.56
N GLU C 15 3.72 -29.72 -5.97
CA GLU C 15 3.07 -30.77 -5.15
C GLU C 15 3.99 -31.97 -4.86
N ALA C 16 5.01 -32.15 -5.72
CA ALA C 16 6.02 -33.19 -5.58
C ALA C 16 6.96 -32.93 -4.39
N ASP C 17 7.16 -31.65 -4.08
CA ASP C 17 8.15 -31.21 -3.09
C ASP C 17 7.70 -31.35 -1.64
N TRP C 18 6.38 -31.41 -1.42
CA TRP C 18 5.80 -31.32 -0.08
C TRP C 18 6.20 -32.37 0.97
N PRO C 19 6.36 -33.66 0.58
CA PRO C 19 6.83 -34.64 1.58
C PRO C 19 8.30 -34.44 1.97
N ALA C 20 9.12 -34.00 1.03
CA ALA C 20 10.52 -33.67 1.31
C ALA C 20 10.67 -32.34 2.07
N LEU C 21 9.76 -31.39 1.79
CA LEU C 21 9.76 -30.08 2.44
C LEU C 21 9.25 -30.13 3.88
N HIS C 22 8.33 -31.07 4.15
CA HIS C 22 7.79 -31.31 5.49
C HIS C 22 8.85 -31.87 6.46
N ALA C 23 9.78 -32.65 5.93
CA ALA C 23 10.87 -33.24 6.72
C ALA C 23 11.95 -32.22 7.11
N LEU C 24 12.39 -31.39 6.15
CA LEU C 24 13.38 -30.33 6.38
C LEU C 24 12.84 -29.29 7.36
N ASP C 25 11.52 -29.22 7.46
CA ASP C 25 10.85 -28.33 8.39
C ASP C 25 10.98 -28.84 9.83
N GLN C 26 10.97 -30.16 9.98
CA GLN C 26 11.07 -30.82 11.28
C GLN C 26 12.41 -30.57 11.96
N ILE C 27 13.47 -30.54 11.16
CA ILE C 27 14.85 -30.33 11.63
C ILE C 27 15.18 -28.84 11.86
N ILE C 28 14.24 -27.97 11.47
CA ILE C 28 14.35 -26.50 11.57
C ILE C 28 15.70 -25.95 11.08
N SER C 42 -0.78 -33.48 10.67
CA SER C 42 0.52 -32.81 10.72
C SER C 42 1.12 -32.65 9.31
N LEU C 43 1.11 -33.75 8.55
CA LEU C 43 1.55 -33.75 7.14
C LEU C 43 0.48 -33.13 6.24
N ALA C 44 -0.78 -33.30 6.62
CA ALA C 44 -1.91 -32.68 5.94
C ALA C 44 -2.22 -31.29 6.52
N ALA C 45 -1.80 -31.07 7.77
CA ALA C 45 -1.95 -29.79 8.45
C ALA C 45 -0.96 -28.75 7.92
N TYR C 46 0.23 -29.24 7.53
CA TYR C 46 1.31 -28.39 7.02
C TYR C 46 1.06 -27.93 5.59
N GLN C 47 0.52 -28.82 4.76
CA GLN C 47 0.15 -28.48 3.38
C GLN C 47 -1.06 -27.55 3.30
N GLU C 48 -1.78 -27.42 4.42
CA GLU C 48 -2.92 -26.51 4.50
C GLU C 48 -2.54 -25.16 5.13
N LYS C 49 -1.32 -25.09 5.66
CA LYS C 49 -0.80 -23.87 6.27
C LYS C 49 0.16 -23.19 5.29
N MSE C 50 0.83 -24.01 4.50
CA MSE C 50 1.85 -23.54 3.56
C MSE C 50 1.34 -23.48 2.13
O MSE C 50 2.10 -23.18 1.20
CB MSE C 50 3.08 -24.46 3.64
CG MSE C 50 4.25 -24.01 4.53
SE MSE C 50 3.90 -23.01 5.98
CE MSE C 50 4.60 -21.44 5.47
N LYS C 51 0.05 -23.76 1.94
CA LYS C 51 -0.57 -23.87 0.60
C LYS C 51 -0.48 -22.60 -0.24
N ASP C 52 -0.86 -21.48 0.36
CA ASP C 52 -0.95 -20.18 -0.32
C ASP C 52 0.40 -19.44 -0.36
N GLU C 53 1.35 -19.94 0.44
CA GLU C 53 2.64 -19.30 0.68
C GLU C 53 3.59 -19.29 -0.51
N THR C 54 4.35 -18.20 -0.62
CA THR C 54 5.37 -18.07 -1.65
C THR C 54 6.65 -18.75 -1.16
N ILE C 55 6.96 -19.89 -1.79
CA ILE C 55 8.11 -20.69 -1.40
C ILE C 55 8.89 -21.07 -2.65
N PHE C 56 10.17 -20.75 -2.63
CA PHE C 56 11.10 -21.19 -3.67
C PHE C 56 11.99 -22.28 -3.08
N VAL C 57 12.25 -23.29 -3.88
CA VAL C 57 12.84 -24.52 -3.41
C VAL C 57 14.16 -24.77 -4.14
N ALA C 58 15.17 -25.21 -3.39
CA ALA C 58 16.48 -25.52 -3.99
C ALA C 58 16.62 -27.02 -4.28
N ILE C 59 17.08 -27.34 -5.49
CA ILE C 59 17.20 -28.74 -5.94
C ILE C 59 18.61 -29.06 -6.45
N SER C 60 19.29 -29.93 -5.72
CA SER C 60 20.63 -30.44 -6.10
C SER C 60 20.51 -31.90 -6.53
N GLY C 61 20.80 -32.15 -7.81
CA GLY C 61 20.46 -33.43 -8.43
C GLY C 61 18.95 -33.46 -8.60
N GLN C 62 18.29 -34.40 -7.93
CA GLN C 62 16.82 -34.41 -7.84
C GLN C 62 16.41 -34.46 -6.38
N GLN C 63 17.18 -33.76 -5.55
CA GLN C 63 16.97 -33.71 -4.11
C GLN C 63 16.76 -32.28 -3.60
N LEU C 64 15.83 -32.14 -2.65
CA LEU C 64 15.54 -30.86 -2.00
C LEU C 64 16.66 -30.42 -1.05
N ALA C 65 17.52 -29.53 -1.54
CA ALA C 65 18.66 -29.02 -0.77
C ALA C 65 18.26 -27.95 0.27
N GLY C 66 17.21 -27.18 -0.04
CA GLY C 66 16.75 -26.11 0.84
C GLY C 66 15.59 -25.31 0.28
N PHE C 67 15.25 -24.21 0.95
CA PHE C 67 14.15 -23.36 0.54
C PHE C 67 14.26 -21.95 1.12
N ILE C 68 13.45 -21.05 0.55
CA ILE C 68 13.34 -19.65 0.99
C ILE C 68 11.86 -19.27 0.86
N GLU C 69 11.29 -18.73 1.94
CA GLU C 69 9.91 -18.24 1.95
C GLU C 69 9.90 -16.71 2.16
N VAL C 70 9.03 -16.03 1.41
CA VAL C 70 8.87 -14.59 1.52
C VAL C 70 7.40 -14.22 1.65
N HIS C 71 7.11 -13.29 2.55
CA HIS C 71 5.83 -12.59 2.60
C HIS C 71 6.05 -11.18 3.14
N PRO C 72 5.16 -10.23 2.82
CA PRO C 72 5.28 -8.92 3.48
C PRO C 72 5.24 -9.02 5.02
N PRO C 73 5.96 -8.10 5.72
CA PRO C 73 6.06 -8.17 7.18
C PRO C 73 4.71 -8.04 7.88
N THR C 74 3.83 -7.18 7.34
CA THR C 74 2.43 -7.08 7.78
C THR C 74 1.50 -6.90 6.57
N SER C 75 0.20 -6.89 6.86
CA SER C 75 -0.90 -6.64 5.91
C SER C 75 -1.04 -5.20 5.48
N LEU C 76 -0.28 -4.30 6.08
CA LEU C 76 -0.34 -2.88 5.74
C LEU C 76 0.01 -2.69 4.26
N ALA C 77 -0.79 -1.90 3.56
CA ALA C 77 -0.52 -1.48 2.19
C ALA C 77 0.88 -0.88 2.09
N ALA C 78 1.23 0.00 3.02
CA ALA C 78 2.53 0.67 3.02
C ALA C 78 3.72 -0.30 3.19
N HIS C 79 3.44 -1.55 3.57
CA HIS C 79 4.47 -2.58 3.78
C HIS C 79 4.62 -3.58 2.63
N GLN C 80 3.88 -3.36 1.55
CA GLN C 80 3.82 -4.37 0.49
C GLN C 80 5.01 -4.33 -0.46
N LYS C 81 5.94 -3.40 -0.25
CA LYS C 81 7.13 -3.37 -1.06
C LYS C 81 8.33 -3.96 -0.28
N GLN C 82 8.01 -4.80 0.70
CA GLN C 82 9.00 -5.41 1.53
C GLN C 82 8.73 -6.90 1.69
N TRP C 83 9.80 -7.69 1.69
CA TRP C 83 9.71 -9.12 2.00
C TRP C 83 10.40 -9.47 3.31
N LEU C 84 9.63 -10.09 4.20
CA LEU C 84 10.19 -10.79 5.35
C LEU C 84 10.62 -12.17 4.88
N LEU C 85 11.89 -12.52 5.05
CA LEU C 85 12.37 -13.79 4.51
C LEU C 85 12.71 -14.90 5.52
N SER C 86 12.55 -16.14 5.06
CA SER C 86 12.79 -17.33 5.87
C SER C 86 13.59 -18.32 5.04
N ILE C 87 14.76 -18.73 5.52
CA ILE C 87 15.62 -19.67 4.81
C ILE C 87 15.85 -20.98 5.58
N GLY C 88 15.62 -22.11 4.91
CA GLY C 88 15.89 -23.44 5.46
C GLY C 88 16.82 -24.22 4.57
N VAL C 89 17.89 -24.77 5.15
CA VAL C 89 18.89 -25.56 4.41
C VAL C 89 19.03 -26.96 5.03
N SER C 90 18.94 -27.99 4.18
CA SER C 90 19.01 -29.39 4.62
C SER C 90 20.32 -29.72 5.34
N PRO C 91 20.21 -30.50 6.44
CA PRO C 91 21.34 -31.07 7.20
C PRO C 91 22.39 -31.72 6.30
N ASP C 92 21.94 -32.40 5.25
CA ASP C 92 22.82 -33.14 4.33
C ASP C 92 23.39 -32.29 3.18
N PHE C 93 23.08 -30.99 3.17
CA PHE C 93 23.56 -30.09 2.12
C PHE C 93 24.28 -28.83 2.63
N GLN C 94 24.99 -28.97 3.74
CA GLN C 94 25.73 -27.84 4.30
C GLN C 94 26.99 -27.58 3.46
N ASP C 95 27.56 -26.38 3.60
CA ASP C 95 28.79 -25.99 2.88
C ASP C 95 28.70 -25.97 1.35
N GLN C 96 27.54 -26.32 0.81
CA GLN C 96 27.35 -26.30 -0.64
C GLN C 96 26.89 -24.92 -1.17
N GLY C 97 26.82 -23.92 -0.28
CA GLY C 97 26.40 -22.56 -0.65
C GLY C 97 24.92 -22.47 -1.06
N ILE C 98 24.11 -23.35 -0.49
CA ILE C 98 22.66 -23.42 -0.74
C ILE C 98 21.97 -22.12 -0.30
N GLY C 99 22.32 -21.64 0.89
CA GLY C 99 21.76 -20.42 1.46
C GLY C 99 21.98 -19.24 0.54
N GLY C 100 23.24 -19.05 0.16
CA GLY C 100 23.66 -17.97 -0.74
C GLY C 100 22.99 -17.95 -2.08
N SER C 101 22.73 -19.14 -2.64
CA SER C 101 22.02 -19.28 -3.93
C SER C 101 20.53 -18.92 -3.81
N LEU C 102 19.91 -19.38 -2.74
CA LEU C 102 18.54 -19.02 -2.39
C LEU C 102 18.38 -17.52 -2.22
N LEU C 103 19.28 -16.93 -1.44
CA LEU C 103 19.26 -15.51 -1.14
C LEU C 103 19.49 -14.67 -2.41
N SER C 104 20.50 -15.04 -3.19
CA SER C 104 20.79 -14.36 -4.45
C SER C 104 19.61 -14.45 -5.45
N TYR C 105 18.95 -15.60 -5.46
CA TYR C 105 17.76 -15.78 -6.28
C TYR C 105 16.63 -14.82 -5.87
N ILE C 106 16.38 -14.74 -4.56
CA ILE C 106 15.29 -13.89 -4.08
C ILE C 106 15.57 -12.41 -4.32
N LYS C 107 16.85 -12.00 -4.33
CA LYS C 107 17.23 -10.63 -4.65
C LYS C 107 16.87 -10.24 -6.09
N ASP C 108 17.04 -11.18 -7.02
CA ASP C 108 16.62 -11.04 -8.42
C ASP C 108 15.10 -11.01 -8.58
N MSE C 109 14.41 -11.96 -7.96
CA MSE C 109 12.95 -11.98 -7.88
C MSE C 109 12.36 -10.68 -7.30
O MSE C 109 11.37 -10.17 -7.81
CB MSE C 109 12.46 -13.17 -7.05
CG MSE C 109 12.23 -14.44 -7.86
SE MSE C 109 11.11 -14.19 -9.48
CE MSE C 109 12.47 -13.55 -10.75
N ALA C 110 12.98 -10.18 -6.24
CA ALA C 110 12.52 -8.96 -5.59
C ALA C 110 12.57 -7.80 -6.59
N GLU C 111 13.69 -7.72 -7.31
CA GLU C 111 13.93 -6.67 -8.31
C GLU C 111 12.83 -6.60 -9.37
N ILE C 112 12.31 -7.75 -9.79
CA ILE C 112 11.19 -7.81 -10.74
C ILE C 112 9.79 -7.71 -10.11
N SER C 113 9.65 -8.14 -8.85
CA SER C 113 8.35 -8.13 -8.17
C SER C 113 8.02 -6.73 -7.66
N GLY C 114 8.98 -5.81 -7.82
CA GLY C 114 8.89 -4.44 -7.34
C GLY C 114 9.23 -4.28 -5.86
N ILE C 115 9.89 -5.29 -5.29
CA ILE C 115 10.24 -5.27 -3.88
C ILE C 115 11.50 -4.41 -3.66
N HIS C 116 11.38 -3.49 -2.71
CA HIS C 116 12.40 -2.50 -2.41
C HIS C 116 13.32 -2.96 -1.27
N LYS C 117 12.78 -3.74 -0.35
CA LYS C 117 13.48 -4.02 0.90
C LYS C 117 13.27 -5.47 1.31
N LEU C 118 14.34 -6.10 1.78
CA LEU C 118 14.28 -7.44 2.33
C LEU C 118 14.62 -7.28 3.79
N SER C 119 13.94 -8.02 4.66
CA SER C 119 14.28 -8.02 6.09
C SER C 119 14.05 -9.36 6.77
N LEU C 120 14.61 -9.49 7.97
CA LEU C 120 14.30 -10.59 8.86
C LEU C 120 14.91 -10.28 10.20
N ARG C 121 14.53 -11.09 11.18
CA ARG C 121 14.94 -10.92 12.56
C ARG C 121 15.74 -12.15 12.97
N VAL C 122 16.76 -11.95 13.79
CA VAL C 122 17.65 -13.05 14.16
C VAL C 122 18.04 -12.86 15.63
N MSE C 123 17.97 -13.93 16.41
CA MSE C 123 18.31 -13.92 17.83
C MSE C 123 19.75 -13.46 17.96
O MSE C 123 20.57 -13.82 17.10
CB MSE C 123 18.20 -15.33 18.41
CG MSE C 123 16.79 -15.93 18.36
SE MSE C 123 15.53 -14.83 19.43
CE MSE C 123 16.27 -15.12 21.20
N ALA C 124 20.02 -12.68 19.01
CA ALA C 124 21.37 -12.18 19.27
C ALA C 124 22.39 -13.32 19.36
N THR C 125 21.92 -14.50 19.79
CA THR C 125 22.76 -15.68 19.96
C THR C 125 22.99 -16.50 18.66
N ASN C 126 22.21 -16.22 17.60
CA ASN C 126 22.39 -17.00 16.37
C ASN C 126 23.51 -16.38 15.52
N GLN C 127 24.73 -16.57 16.02
CA GLN C 127 25.92 -15.91 15.52
C GLN C 127 26.21 -16.24 14.09
N GLU C 128 25.89 -17.48 13.70
CA GLU C 128 26.14 -17.88 12.34
C GLU C 128 25.11 -17.38 11.33
N ALA C 129 23.85 -17.20 11.75
CA ALA C 129 22.89 -16.54 10.87
C ALA C 129 23.26 -15.07 10.67
N ILE C 130 23.73 -14.41 11.72
CA ILE C 130 24.12 -13.00 11.65
C ILE C 130 25.28 -12.79 10.69
N ARG C 131 26.31 -13.62 10.86
CA ARG C 131 27.46 -13.67 9.96
C ARG C 131 27.01 -13.88 8.52
N PHE C 132 26.14 -14.86 8.32
CA PHE C 132 25.57 -15.17 7.01
C PHE C 132 24.94 -13.92 6.35
N TYR C 133 24.03 -13.28 7.06
CA TYR C 133 23.33 -12.12 6.52
C TYR C 133 24.26 -10.91 6.30
N GLU C 134 25.18 -10.67 7.23
CA GLU C 134 26.27 -9.69 7.05
C GLU C 134 27.11 -9.98 5.80
N LYS C 135 27.50 -11.24 5.64
CA LYS C 135 28.29 -11.69 4.49
C LYS C 135 27.57 -11.33 3.19
N HIS C 136 26.25 -11.50 3.17
CA HIS C 136 25.44 -11.15 1.97
C HIS C 136 24.79 -9.77 1.93
N GLY C 137 25.38 -8.82 2.65
CA GLY C 137 25.11 -7.39 2.45
C GLY C 137 24.02 -6.76 3.30
N PHE C 138 23.43 -7.55 4.19
CA PHE C 138 22.40 -7.05 5.11
C PHE C 138 23.06 -6.21 6.16
N VAL C 139 22.37 -5.15 6.56
CA VAL C 139 22.81 -4.27 7.63
C VAL C 139 21.82 -4.33 8.80
N GLN C 140 22.32 -4.12 10.01
CA GLN C 140 21.51 -4.08 11.20
C GLN C 140 20.66 -2.81 11.29
N GLU C 141 19.37 -2.99 11.58
CA GLU C 141 18.41 -1.90 11.69
C GLU C 141 17.82 -1.77 13.09
N ALA C 142 17.90 -2.85 13.85
CA ALA C 142 17.26 -2.93 15.16
C ALA C 142 18.06 -3.82 16.12
N HIS C 143 18.11 -3.40 17.37
CA HIS C 143 18.64 -4.25 18.42
C HIS C 143 17.57 -4.21 19.53
N PHE C 144 16.72 -5.22 19.60
CA PHE C 144 15.63 -5.24 20.57
C PHE C 144 16.13 -5.90 21.83
N LYS C 145 16.20 -5.13 22.91
CA LYS C 145 16.76 -5.68 24.14
C LYS C 145 15.67 -6.32 24.96
N GLU C 146 16.00 -7.45 25.57
CA GLU C 146 15.12 -8.18 26.49
C GLU C 146 13.74 -8.37 25.89
N GLU C 147 13.76 -8.91 24.68
CA GLU C 147 12.65 -8.94 23.74
C GLU C 147 11.81 -10.20 23.85
N PHE C 148 12.49 -11.34 24.00
CA PHE C 148 11.85 -12.64 24.07
C PHE C 148 12.11 -13.26 25.44
N TYR C 149 11.03 -13.63 26.11
CA TYR C 149 11.11 -14.28 27.40
C TYR C 149 11.24 -15.79 27.18
N ILE C 150 12.34 -16.36 27.65
CA ILE C 150 12.60 -17.79 27.45
C ILE C 150 13.05 -18.44 28.75
N ASN C 151 12.15 -19.21 29.36
CA ASN C 151 12.39 -19.96 30.61
C ASN C 151 13.01 -19.12 31.72
N GLY C 152 12.35 -18.03 32.07
CA GLY C 152 12.86 -17.15 33.10
C GLY C 152 13.87 -16.09 32.70
N HIS C 153 14.35 -16.14 31.45
N HIS C 153 14.39 -16.16 31.47
CA HIS C 153 15.34 -15.18 30.98
CA HIS C 153 15.38 -15.16 31.00
C HIS C 153 14.89 -14.41 29.74
C HIS C 153 14.97 -14.44 29.72
N TYR C 154 15.43 -13.21 29.58
CA TYR C 154 15.11 -12.35 28.45
C TYR C 154 16.26 -12.30 27.46
N CYS C 155 15.93 -12.40 26.18
CA CYS C 155 16.91 -12.56 25.14
C CYS C 155 16.76 -11.46 24.07
N ASP C 156 17.89 -11.02 23.53
CA ASP C 156 17.93 -9.94 22.55
C ASP C 156 17.65 -10.47 21.14
N ASP C 157 17.14 -9.58 20.29
CA ASP C 157 16.86 -9.89 18.89
C ASP C 157 17.48 -8.78 18.05
N TYR C 158 17.82 -9.09 16.81
CA TYR C 158 18.25 -8.06 15.87
C TYR C 158 17.36 -8.04 14.66
N GLN C 159 17.18 -6.89 14.05
CA GLN C 159 16.62 -6.89 12.71
C GLN C 159 17.68 -6.51 11.69
N TYR C 160 17.71 -7.27 10.59
CA TYR C 160 18.60 -7.02 9.47
C TYR C 160 17.83 -6.68 8.20
N ALA C 161 18.41 -5.78 7.41
CA ALA C 161 17.78 -5.33 6.17
C ALA C 161 18.75 -5.33 4.99
N TYR C 162 18.18 -5.62 3.82
CA TYR C 162 18.85 -5.50 2.55
C TYR C 162 18.06 -4.64 1.55
N PHE C 163 18.73 -3.67 0.96
CA PHE C 163 18.10 -2.75 0.04
C PHE C 163 18.38 -3.11 -1.42
N ILE C 164 17.31 -3.46 -2.12
CA ILE C 164 17.38 -3.91 -3.50
C ILE C 164 17.96 -2.78 -4.34
N LEU D 8 -24.10 33.31 0.75
CA LEU D 8 -23.21 32.28 0.17
C LEU D 8 -22.59 32.77 -1.13
N THR D 9 -21.27 32.87 -1.13
CA THR D 9 -20.52 33.39 -2.26
C THR D 9 -19.44 32.40 -2.71
N ILE D 10 -19.43 32.09 -4.01
CA ILE D 10 -18.43 31.18 -4.59
C ILE D 10 -17.50 31.93 -5.54
N ARG D 11 -16.22 31.86 -5.23
CA ARG D 11 -15.19 32.57 -5.96
C ARG D 11 -13.95 31.71 -5.94
N LEU D 12 -12.98 32.00 -6.79
CA LEU D 12 -11.72 31.27 -6.77
C LEU D 12 -10.91 31.56 -5.50
N VAL D 13 -9.97 30.68 -5.18
CA VAL D 13 -9.14 30.82 -3.99
C VAL D 13 -8.39 32.16 -4.02
N ALA D 14 -8.32 32.81 -2.86
CA ALA D 14 -7.52 34.03 -2.69
C ALA D 14 -6.34 33.77 -1.76
N GLU D 15 -5.34 34.64 -1.86
CA GLU D 15 -4.09 34.53 -1.10
C GLU D 15 -4.27 34.68 0.42
N ALA D 16 -5.52 34.87 0.85
CA ALA D 16 -5.89 35.02 2.25
C ALA D 16 -6.64 33.81 2.82
N ASP D 17 -7.01 32.87 1.95
CA ASP D 17 -7.86 31.73 2.32
C ASP D 17 -7.09 30.51 2.86
N TRP D 18 -5.77 30.55 2.76
CA TRP D 18 -4.93 29.38 3.03
C TRP D 18 -4.86 28.87 4.48
N PRO D 19 -4.98 29.76 5.50
CA PRO D 19 -4.98 29.24 6.88
C PRO D 19 -6.26 28.48 7.26
N ALA D 20 -7.39 28.82 6.63
CA ALA D 20 -8.66 28.13 6.87
C ALA D 20 -8.87 26.95 5.92
N LEU D 21 -8.33 27.05 4.71
CA LEU D 21 -8.45 25.97 3.72
C LEU D 21 -7.60 24.75 4.10
N HIS D 22 -6.38 25.00 4.56
CA HIS D 22 -5.52 23.94 5.10
C HIS D 22 -6.13 23.32 6.35
N ALA D 23 -6.79 24.15 7.15
CA ALA D 23 -7.52 23.71 8.35
C ALA D 23 -8.66 22.75 8.01
N LEU D 24 -9.35 23.02 6.90
CA LEU D 24 -10.44 22.14 6.44
C LEU D 24 -9.91 20.78 5.97
N ASP D 25 -8.71 20.78 5.38
CA ASP D 25 -8.07 19.55 4.88
C ASP D 25 -7.78 18.50 5.96
N GLN D 26 -7.34 18.97 7.13
CA GLN D 26 -6.95 18.08 8.22
C GLN D 26 -8.14 17.32 8.84
N ILE D 27 -9.34 17.89 8.72
CA ILE D 27 -10.57 17.29 9.27
C ILE D 27 -11.19 16.28 8.29
N ILE D 28 -11.16 16.61 7.01
CA ILE D 28 -11.72 15.75 5.96
C ILE D 28 -10.65 14.83 5.37
N SER D 42 1.55 20.50 7.12
CA SER D 42 2.28 21.77 7.24
C SER D 42 1.66 22.85 6.34
N LEU D 43 1.49 24.04 6.89
CA LEU D 43 0.91 25.18 6.17
C LEU D 43 1.84 25.73 5.08
N ALA D 44 3.15 25.59 5.28
CA ALA D 44 4.15 26.00 4.31
C ALA D 44 4.26 24.98 3.16
N ALA D 45 4.11 23.69 3.50
CA ALA D 45 4.13 22.60 2.54
C ALA D 45 2.86 22.53 1.70
N TYR D 46 1.73 22.89 2.32
CA TYR D 46 0.41 22.82 1.70
C TYR D 46 0.16 23.96 0.70
N GLN D 47 0.50 25.18 1.11
CA GLN D 47 0.45 26.35 0.22
C GLN D 47 1.29 26.09 -1.03
N GLU D 48 2.45 25.47 -0.83
CA GLU D 48 3.36 25.10 -1.92
C GLU D 48 2.79 23.97 -2.78
N LYS D 49 2.11 23.03 -2.12
CA LYS D 49 1.50 21.87 -2.77
C LYS D 49 0.34 22.28 -3.69
N MSE D 50 -0.41 23.30 -3.28
CA MSE D 50 -1.60 23.71 -4.00
C MSE D 50 -1.44 25.08 -4.68
O MSE D 50 -2.44 25.78 -4.93
CB MSE D 50 -2.83 23.71 -3.07
CG MSE D 50 -3.03 22.42 -2.26
SE MSE D 50 -3.49 20.96 -3.21
CE MSE D 50 -5.22 21.26 -3.57
N LYS D 51 -0.19 25.45 -4.98
CA LYS D 51 0.13 26.76 -5.58
C LYS D 51 -0.69 27.06 -6.83
N ASP D 52 -0.49 26.25 -7.87
CA ASP D 52 -1.02 26.52 -9.21
C ASP D 52 -2.35 25.78 -9.50
N GLU D 53 -3.03 25.35 -8.44
CA GLU D 53 -4.21 24.49 -8.56
C GLU D 53 -5.53 25.27 -8.65
N THR D 54 -6.44 24.78 -9.50
CA THR D 54 -7.74 25.44 -9.69
C THR D 54 -8.72 25.07 -8.56
N ILE D 55 -8.90 26.01 -7.63
CA ILE D 55 -9.75 25.82 -6.48
C ILE D 55 -10.75 26.96 -6.36
N PHE D 56 -12.01 26.60 -6.17
CA PHE D 56 -13.04 27.57 -5.85
C PHE D 56 -13.49 27.30 -4.42
N VAL D 57 -13.72 28.38 -3.65
CA VAL D 57 -14.14 28.23 -2.26
C VAL D 57 -15.54 28.78 -2.05
N ALA D 58 -16.29 28.15 -1.15
CA ALA D 58 -17.63 28.62 -0.81
C ALA D 58 -17.57 29.41 0.50
N ILE D 59 -18.01 30.66 0.43
CA ILE D 59 -17.96 31.56 1.60
C ILE D 59 -19.35 31.90 2.13
N SER D 60 -19.57 31.57 3.40
CA SER D 60 -20.81 31.92 4.09
C SER D 60 -20.52 32.99 5.15
N GLY D 61 -20.50 34.25 4.72
CA GLY D 61 -20.27 35.40 5.59
C GLY D 61 -18.85 35.47 6.15
N GLN D 62 -17.90 35.78 5.26
N GLN D 62 -17.89 35.78 5.28
CA GLN D 62 -16.47 35.86 5.58
CA GLN D 62 -16.46 35.88 5.64
C GLN D 62 -15.96 34.60 6.29
C GLN D 62 -15.89 34.55 6.20
N GLN D 63 -16.69 33.49 6.08
CA GLN D 63 -16.36 32.18 6.64
C GLN D 63 -16.29 31.08 5.55
N LEU D 64 -15.20 30.30 5.57
CA LEU D 64 -14.96 29.22 4.59
C LEU D 64 -15.81 27.98 4.84
N ALA D 65 -16.88 27.84 4.06
CA ALA D 65 -17.85 26.75 4.22
C ALA D 65 -17.49 25.46 3.47
N GLY D 66 -16.75 25.61 2.37
CA GLY D 66 -16.44 24.49 1.47
C GLY D 66 -15.47 24.88 0.36
N PHE D 67 -15.11 23.90 -0.46
CA PHE D 67 -14.26 24.12 -1.63
C PHE D 67 -14.45 23.01 -2.65
N ILE D 68 -14.17 23.35 -3.91
CA ILE D 68 -14.13 22.38 -5.01
C ILE D 68 -12.83 22.58 -5.79
N GLU D 69 -12.16 21.47 -6.10
CA GLU D 69 -10.93 21.52 -6.89
C GLU D 69 -11.12 20.69 -8.18
N VAL D 70 -10.57 21.18 -9.30
CA VAL D 70 -10.66 20.49 -10.59
C VAL D 70 -9.35 20.54 -11.35
N HIS D 71 -8.99 19.40 -11.96
CA HIS D 71 -7.90 19.30 -12.93
C HIS D 71 -8.24 18.19 -13.93
N PRO D 72 -7.66 18.24 -15.16
CA PRO D 72 -7.85 17.10 -16.06
C PRO D 72 -7.36 15.80 -15.41
N PRO D 73 -7.95 14.64 -15.80
CA PRO D 73 -7.61 13.44 -15.05
C PRO D 73 -6.19 12.97 -15.33
N THR D 74 -5.70 13.21 -16.55
CA THR D 74 -4.31 12.96 -16.91
C THR D 74 -3.79 14.14 -17.74
N SER D 75 -2.48 14.10 -18.02
CA SER D 75 -1.75 15.05 -18.88
C SER D 75 -1.98 14.87 -20.37
N LEU D 76 -2.73 13.84 -20.73
CA LEU D 76 -3.00 13.58 -22.14
C LEU D 76 -3.77 14.72 -22.74
N ALA D 77 -3.33 15.19 -23.91
CA ALA D 77 -4.04 16.21 -24.64
C ALA D 77 -5.52 15.79 -24.79
N ALA D 78 -5.75 14.52 -25.10
CA ALA D 78 -7.11 14.03 -25.34
C ALA D 78 -8.00 14.03 -24.11
N HIS D 79 -7.41 14.26 -22.93
CA HIS D 79 -8.14 14.36 -21.66
C HIS D 79 -8.44 15.78 -21.19
N GLN D 80 -8.05 16.78 -21.97
CA GLN D 80 -8.10 18.15 -21.51
C GLN D 80 -9.52 18.75 -21.56
N LYS D 81 -10.49 18.02 -22.10
CA LYS D 81 -11.87 18.49 -22.07
C LYS D 81 -12.63 17.79 -20.94
N GLN D 82 -11.88 17.32 -19.94
CA GLN D 82 -12.46 16.61 -18.83
C GLN D 82 -11.92 17.16 -17.53
N TRP D 83 -12.78 17.31 -16.53
CA TRP D 83 -12.32 17.64 -15.18
C TRP D 83 -12.54 16.53 -14.17
N LEU D 84 -11.48 16.16 -13.48
CA LEU D 84 -11.57 15.38 -12.25
C LEU D 84 -11.93 16.33 -11.09
N LEU D 85 -13.00 16.05 -10.36
CA LEU D 85 -13.38 16.95 -9.29
C LEU D 85 -13.16 16.40 -7.89
N SER D 86 -12.87 17.29 -6.96
CA SER D 86 -12.74 16.94 -5.56
C SER D 86 -13.47 18.01 -4.74
N ILE D 87 -14.40 17.57 -3.89
CA ILE D 87 -15.19 18.47 -3.03
C ILE D 87 -14.90 18.27 -1.55
N GLY D 88 -14.70 19.37 -0.83
CA GLY D 88 -14.62 19.36 0.63
C GLY D 88 -15.59 20.36 1.24
N VAL D 89 -16.27 19.95 2.31
CA VAL D 89 -17.25 20.78 3.02
C VAL D 89 -16.93 20.80 4.53
N SER D 90 -17.04 21.98 5.15
CA SER D 90 -16.75 22.14 6.58
C SER D 90 -17.72 21.36 7.47
N PRO D 91 -17.20 20.79 8.58
CA PRO D 91 -17.98 20.16 9.65
C PRO D 91 -19.04 21.11 10.24
N ASP D 92 -18.69 22.38 10.39
CA ASP D 92 -19.62 23.39 10.89
C ASP D 92 -20.77 23.65 9.91
N PHE D 93 -20.46 23.56 8.60
CA PHE D 93 -21.42 23.93 7.54
C PHE D 93 -22.07 22.77 6.81
N GLN D 94 -22.38 21.70 7.54
CA GLN D 94 -23.11 20.58 6.97
C GLN D 94 -24.57 20.96 6.70
N ASP D 95 -25.27 20.12 5.94
CA ASP D 95 -26.71 20.28 5.61
C ASP D 95 -27.13 21.64 5.03
N GLN D 96 -26.16 22.49 4.71
CA GLN D 96 -26.45 23.82 4.18
C GLN D 96 -26.48 23.87 2.64
N GLY D 97 -26.45 22.71 1.99
CA GLY D 97 -26.44 22.61 0.53
C GLY D 97 -25.19 23.19 -0.13
N ILE D 98 -24.10 23.25 0.65
CA ILE D 98 -22.81 23.77 0.20
C ILE D 98 -22.26 22.91 -0.93
N GLY D 99 -22.32 21.59 -0.73
CA GLY D 99 -21.87 20.62 -1.73
C GLY D 99 -22.50 20.90 -3.08
N GLY D 100 -23.82 20.98 -3.08
CA GLY D 100 -24.60 21.17 -4.29
C GLY D 100 -24.35 22.47 -5.02
N SER D 101 -23.98 23.52 -4.27
CA SER D 101 -23.74 24.87 -4.82
C SER D 101 -22.41 24.93 -5.54
N LEU D 102 -21.42 24.25 -4.96
CA LEU D 102 -20.09 24.07 -5.55
C LEU D 102 -20.18 23.33 -6.87
N LEU D 103 -20.89 22.21 -6.88
CA LEU D 103 -21.14 21.44 -8.09
C LEU D 103 -21.84 22.28 -9.15
N SER D 104 -22.98 22.85 -8.80
CA SER D 104 -23.73 23.69 -9.70
C SER D 104 -22.84 24.80 -10.28
N TYR D 105 -21.98 25.36 -9.44
CA TYR D 105 -21.05 26.39 -9.88
C TYR D 105 -20.02 25.84 -10.90
N ILE D 106 -19.52 24.65 -10.65
CA ILE D 106 -18.49 24.07 -11.51
C ILE D 106 -19.07 23.57 -12.82
N LYS D 107 -20.33 23.16 -12.80
CA LYS D 107 -21.05 22.80 -14.02
C LYS D 107 -21.13 24.00 -14.97
N ASP D 108 -21.47 25.18 -14.43
CA ASP D 108 -21.49 26.43 -15.21
C ASP D 108 -20.11 26.90 -15.68
N MSE D 109 -19.10 26.80 -14.80
CA MSE D 109 -17.71 27.05 -15.15
C MSE D 109 -17.18 26.13 -16.26
O MSE D 109 -16.47 26.58 -17.15
CB MSE D 109 -16.79 26.94 -13.91
CG MSE D 109 -16.53 28.25 -13.21
SE MSE D 109 -15.70 29.60 -14.41
CE MSE D 109 -13.93 28.69 -14.71
N ALA D 110 -17.52 24.84 -16.18
CA ALA D 110 -17.13 23.87 -17.20
C ALA D 110 -17.62 24.29 -18.59
N GLU D 111 -18.88 24.71 -18.65
CA GLU D 111 -19.50 25.24 -19.87
C GLU D 111 -18.70 26.30 -20.59
N ILE D 112 -18.04 27.18 -19.84
CA ILE D 112 -17.29 28.28 -20.43
C ILE D 112 -15.81 27.95 -20.61
N SER D 113 -15.30 27.06 -19.75
CA SER D 113 -13.94 26.57 -19.89
C SER D 113 -13.78 25.59 -21.07
N GLY D 114 -14.92 25.21 -21.66
CA GLY D 114 -14.99 24.23 -22.77
C GLY D 114 -14.91 22.78 -22.31
N ILE D 115 -15.19 22.55 -21.03
CA ILE D 115 -15.15 21.21 -20.45
C ILE D 115 -16.44 20.45 -20.76
N HIS D 116 -16.28 19.24 -21.27
CA HIS D 116 -17.33 18.41 -21.77
C HIS D 116 -17.80 17.41 -20.71
N LYS D 117 -16.90 16.99 -19.84
CA LYS D 117 -17.17 15.88 -18.95
C LYS D 117 -16.57 16.12 -17.58
N LEU D 118 -17.34 15.78 -16.55
N LEU D 118 -17.35 15.80 -16.55
CA LEU D 118 -16.89 15.82 -15.18
CA LEU D 118 -16.91 15.83 -15.16
C LEU D 118 -16.87 14.38 -14.70
C LEU D 118 -16.87 14.39 -14.70
N SER D 119 -15.88 14.03 -13.89
CA SER D 119 -15.79 12.68 -13.32
C SER D 119 -15.15 12.63 -11.96
N LEU D 120 -15.38 11.54 -11.24
CA LEU D 120 -14.59 11.24 -10.05
C LEU D 120 -14.77 9.79 -9.65
N ARG D 121 -13.87 9.34 -8.76
CA ARG D 121 -13.91 7.99 -8.22
C ARG D 121 -14.40 8.02 -6.78
N VAL D 122 -15.18 7.01 -6.39
N VAL D 122 -15.20 7.03 -6.39
CA VAL D 122 -15.77 6.95 -5.05
CA VAL D 122 -15.74 6.96 -5.04
C VAL D 122 -15.74 5.51 -4.56
C VAL D 122 -15.73 5.51 -4.56
N MSE D 123 -15.19 5.31 -3.35
CA MSE D 123 -15.17 3.99 -2.70
C MSE D 123 -16.58 3.43 -2.65
O MSE D 123 -17.53 4.17 -2.37
CB MSE D 123 -14.65 4.08 -1.26
CG MSE D 123 -13.23 4.60 -1.09
SE MSE D 123 -11.95 3.52 -2.13
CE MSE D 123 -12.14 1.79 -1.23
N ALA D 124 -16.71 2.13 -2.92
CA ALA D 124 -17.98 1.42 -2.86
C ALA D 124 -18.68 1.58 -1.52
N THR D 125 -17.89 1.78 -0.46
CA THR D 125 -18.42 1.90 0.91
C THR D 125 -18.88 3.33 1.24
N ASN D 126 -18.52 4.30 0.41
CA ASN D 126 -18.93 5.68 0.69
C ASN D 126 -20.33 5.98 0.12
N GLN D 127 -21.33 5.35 0.74
CA GLN D 127 -22.73 5.42 0.30
C GLN D 127 -23.22 6.85 0.18
N GLU D 128 -22.79 7.70 1.10
CA GLU D 128 -23.31 9.05 1.13
C GLU D 128 -22.74 9.96 0.01
N ALA D 129 -21.49 9.72 -0.39
CA ALA D 129 -20.95 10.38 -1.59
C ALA D 129 -21.63 9.89 -2.86
N ILE D 130 -21.89 8.58 -2.95
CA ILE D 130 -22.57 8.00 -4.12
C ILE D 130 -23.97 8.58 -4.30
N ARG D 131 -24.73 8.63 -3.21
N ARG D 131 -24.71 8.68 -3.20
CA ARG D 131 -26.07 9.23 -3.22
CA ARG D 131 -26.05 9.23 -3.20
C ARG D 131 -26.00 10.68 -3.68
C ARG D 131 -26.02 10.68 -3.66
N PHE D 132 -25.04 11.42 -3.13
CA PHE D 132 -24.82 12.81 -3.47
C PHE D 132 -24.63 13.06 -4.97
N TYR D 133 -23.70 12.33 -5.58
CA TYR D 133 -23.40 12.47 -7.02
C TYR D 133 -24.55 11.99 -7.90
N GLU D 134 -25.19 10.91 -7.46
CA GLU D 134 -26.39 10.39 -8.12
C GLU D 134 -27.55 11.39 -8.13
N LYS D 135 -27.76 12.04 -6.99
CA LYS D 135 -28.76 13.09 -6.82
C LYS D 135 -28.53 14.24 -7.80
N HIS D 136 -27.24 14.58 -8.02
CA HIS D 136 -26.86 15.65 -8.97
C HIS D 136 -26.52 15.22 -10.41
N GLY D 137 -27.08 14.10 -10.84
CA GLY D 137 -27.06 13.71 -12.25
C GLY D 137 -25.89 12.88 -12.79
N PHE D 138 -24.98 12.50 -11.91
CA PHE D 138 -23.86 11.65 -12.28
C PHE D 138 -24.33 10.23 -12.44
N VAL D 139 -23.77 9.56 -13.43
CA VAL D 139 -24.05 8.17 -13.71
C VAL D 139 -22.77 7.34 -13.55
N GLN D 140 -22.94 6.06 -13.23
CA GLN D 140 -21.83 5.15 -13.03
C GLN D 140 -21.19 4.70 -14.37
N GLU D 141 -19.87 4.80 -14.46
CA GLU D 141 -19.16 4.41 -15.70
C GLU D 141 -18.26 3.21 -15.44
N ALA D 142 -17.87 3.05 -14.18
CA ALA D 142 -16.96 1.99 -13.80
C ALA D 142 -17.32 1.41 -12.44
N HIS D 143 -17.10 0.12 -12.30
CA HIS D 143 -17.11 -0.58 -11.03
C HIS D 143 -15.77 -1.36 -11.01
N PHE D 144 -14.74 -0.80 -10.36
CA PHE D 144 -13.44 -1.49 -10.25
C PHE D 144 -13.44 -2.40 -9.01
N LYS D 145 -13.43 -3.71 -9.25
CA LYS D 145 -13.48 -4.69 -8.17
C LYS D 145 -12.09 -4.99 -7.65
N GLU D 146 -12.01 -5.17 -6.33
CA GLU D 146 -10.77 -5.52 -5.62
C GLU D 146 -9.65 -4.62 -6.08
N GLU D 147 -9.91 -3.34 -6.01
CA GLU D 147 -9.12 -2.31 -6.64
C GLU D 147 -8.08 -1.73 -5.69
N PHE D 148 -8.50 -1.52 -4.44
CA PHE D 148 -7.64 -0.94 -3.42
C PHE D 148 -7.34 -1.95 -2.31
N TYR D 149 -6.06 -2.20 -2.11
CA TYR D 149 -5.61 -3.06 -1.01
C TYR D 149 -5.55 -2.29 0.31
N ILE D 150 -6.40 -2.66 1.25
CA ILE D 150 -6.46 -1.97 2.55
C ILE D 150 -6.30 -2.99 3.66
N ASN D 151 -5.18 -2.91 4.39
CA ASN D 151 -4.86 -3.83 5.50
C ASN D 151 -5.30 -5.27 5.29
N GLY D 152 -4.88 -5.89 4.19
CA GLY D 152 -5.18 -7.31 3.96
C GLY D 152 -6.45 -7.62 3.20
N HIS D 153 -7.26 -6.61 2.95
N HIS D 153 -7.28 -6.62 2.95
CA HIS D 153 -8.53 -6.75 2.22
CA HIS D 153 -8.51 -6.84 2.18
C HIS D 153 -8.54 -5.89 0.96
C HIS D 153 -8.64 -5.85 1.02
N TYR D 154 -9.31 -6.30 -0.05
CA TYR D 154 -9.43 -5.53 -1.29
C TYR D 154 -10.80 -4.88 -1.40
N CYS D 155 -10.81 -3.64 -1.88
CA CYS D 155 -11.97 -2.79 -1.83
C CYS D 155 -12.35 -2.27 -3.21
N ASP D 156 -13.66 -2.24 -3.47
CA ASP D 156 -14.22 -1.81 -4.74
C ASP D 156 -14.25 -0.28 -4.84
N ASP D 157 -14.21 0.21 -6.07
CA ASP D 157 -14.25 1.65 -6.33
C ASP D 157 -15.23 1.85 -7.47
N TYR D 158 -15.84 3.04 -7.55
CA TYR D 158 -16.67 3.37 -8.72
C TYR D 158 -16.15 4.60 -9.41
N GLN D 159 -16.41 4.73 -10.70
CA GLN D 159 -16.26 6.01 -11.32
C GLN D 159 -17.63 6.56 -11.71
N TYR D 160 -17.84 7.82 -11.40
CA TYR D 160 -19.06 8.54 -11.79
C TYR D 160 -18.78 9.70 -12.75
N ALA D 161 -19.69 9.90 -13.69
CA ALA D 161 -19.52 10.96 -14.67
C ALA D 161 -20.76 11.82 -14.85
N TYR D 162 -20.52 13.09 -15.11
CA TYR D 162 -21.53 14.01 -15.55
C TYR D 162 -21.18 14.62 -16.92
N PHE D 163 -22.16 14.61 -17.82
CA PHE D 163 -21.97 15.17 -19.16
C PHE D 163 -22.60 16.56 -19.29
N ILE D 164 -21.72 17.55 -19.41
CA ILE D 164 -22.09 18.94 -19.59
C ILE D 164 -23.03 19.11 -20.80
MG MG E . -0.64 -19.72 -18.65
MG MG F . 4.54 7.49 37.32
C1 GOL G . 12.48 -17.48 18.29
O1 GOL G . 11.58 -16.48 17.83
C2 GOL G . 11.80 -18.84 18.41
O2 GOL G . 12.74 -19.85 18.10
C3 GOL G . 11.29 -19.09 19.84
O3 GOL G . 10.04 -18.44 20.03
C1 EOH H . 21.06 -19.57 7.95
C2 EOH H . 22.56 -19.68 8.21
O EOH H . 20.72 -19.84 6.60
C1 GOL I . -8.76 6.17 0.35
C1 GOL I . -8.61 6.22 0.30
O1 GOL I . -9.85 6.90 -0.17
O1 GOL I . -8.67 6.20 1.71
C2 GOL I . -8.29 5.10 -0.63
C2 GOL I . -7.75 5.07 -0.22
O2 GOL I . -8.24 5.60 -1.95
O2 GOL I . -7.81 5.03 -1.64
C3 GOL I . -6.93 4.52 -0.21
C3 GOL I . -6.30 5.21 0.24
O3 GOL I . -5.88 5.37 -0.59
O3 GOL I . -5.63 6.22 -0.47
C1 EOH J . -19.63 14.61 -0.87
C2 EOH J . -19.61 16.09 -0.54
O EOH J . -20.56 13.88 -0.08
C1 EOH K . -15.51 -3.16 -0.78
C2 EOH K . -16.00 -4.00 -1.92
O EOH K . -15.74 -1.88 -1.25
#